data_7F3I
#
_entry.id   7F3I
#
_cell.length_a   43.532
_cell.length_b   59.348
_cell.length_c   118.623
_cell.angle_alpha   90.000
_cell.angle_beta   90.000
_cell.angle_gamma   90.000
#
_symmetry.space_group_name_H-M   'P 21 21 21'
#
loop_
_entity.id
_entity.type
_entity.pdbx_description
1 polymer 'Y-box-binding protein 2'
2 polymer "RNA (5'-R(*GP*UP*(5MC)P*CP*(5MC))-3')"
3 water water
#
loop_
_entity_poly.entity_id
_entity_poly.type
_entity_poly.pdbx_seq_one_letter_code
_entity_poly.pdbx_strand_id
1 'polypeptide(L)'
;ADKPVLATKVLGTVKWFNVRNGYGFINRNDTKEDVFVHQTAIKRNNPRKFLRSVGDGETVEFDVVEGEKGAEATNVTGPG
GVPVKGSRYAPNR
;
A,C,E
2 'polyribonucleotide' GU(5MC)U(5MC) B,D
#
loop_
_chem_comp.id
_chem_comp.type
_chem_comp.name
_chem_comp.formula
5MC RNA linking 5-METHYLCYTIDINE-5'-MONOPHOSPHATE 'C10 H16 N3 O8 P'
G RNA linking GUANOSINE-5'-MONOPHOSPHATE 'C10 H14 N5 O8 P'
U RNA linking URIDINE-5'-MONOPHOSPHATE 'C9 H13 N2 O9 P'
#
# COMPACT_ATOMS: atom_id res chain seq x y z
N ALA A 1 11.28 -15.82 14.78
CA ALA A 1 12.11 -15.32 13.69
C ALA A 1 11.86 -16.14 12.44
N ASP A 2 10.76 -16.89 12.46
CA ASP A 2 10.30 -17.67 11.31
C ASP A 2 8.97 -17.05 10.85
N LYS A 3 9.07 -16.09 9.97
CA LYS A 3 7.94 -15.38 9.41
C LYS A 3 7.69 -15.84 7.98
N PRO A 4 6.45 -15.98 7.56
CA PRO A 4 6.18 -16.51 6.21
C PRO A 4 6.90 -15.70 5.14
N VAL A 5 7.29 -16.39 4.06
CA VAL A 5 8.07 -15.77 3.00
C VAL A 5 7.14 -15.35 1.86
N LEU A 6 7.09 -14.06 1.59
CA LEU A 6 6.29 -13.51 0.50
C LEU A 6 7.06 -13.36 -0.81
N ALA A 7 8.36 -13.07 -0.76
CA ALA A 7 9.15 -12.93 -1.98
C ALA A 7 10.63 -13.00 -1.62
N THR A 8 11.43 -13.54 -2.54
CA THR A 8 12.85 -13.72 -2.28
C THR A 8 13.69 -12.94 -3.27
N LYS A 9 14.87 -12.51 -2.83
CA LYS A 9 15.87 -11.87 -3.67
C LYS A 9 15.26 -10.73 -4.49
N VAL A 10 14.61 -9.80 -3.78
CA VAL A 10 14.01 -8.61 -4.38
C VAL A 10 15.04 -7.49 -4.40
N LEU A 11 15.13 -6.77 -5.53
CA LEU A 11 15.95 -5.56 -5.62
C LEU A 11 15.14 -4.32 -5.23
N GLY A 12 15.75 -3.45 -4.43
CA GLY A 12 15.06 -2.28 -3.94
C GLY A 12 16.00 -1.10 -3.83
N THR A 13 15.39 0.09 -3.72
CA THR A 13 16.15 1.30 -3.50
C THR A 13 15.74 1.89 -2.15
N VAL A 14 16.71 2.06 -1.26
CA VAL A 14 16.40 2.60 0.06
C VAL A 14 15.75 3.97 -0.10
N LYS A 15 14.51 4.10 0.36
CA LYS A 15 13.87 5.41 0.31
C LYS A 15 14.47 6.34 1.35
N TRP A 16 14.41 5.95 2.62
CA TRP A 16 15.20 6.60 3.64
C TRP A 16 15.41 5.60 4.77
N PHE A 17 16.51 5.79 5.50
CA PHE A 17 16.78 4.99 6.68
C PHE A 17 17.28 5.89 7.79
N ASN A 18 16.68 5.80 8.98
CA ASN A 18 17.07 6.63 10.11
C ASN A 18 17.92 5.81 11.09
N VAL A 19 19.20 6.18 11.23
CA VAL A 19 20.11 5.43 12.09
C VAL A 19 19.69 5.56 13.56
N ARG A 20 19.32 6.76 14.00
CA ARG A 20 18.97 6.95 15.40
C ARG A 20 17.83 6.03 15.81
N ASN A 21 16.75 6.01 15.02
CA ASN A 21 15.61 5.16 15.34
C ASN A 21 15.79 3.72 14.85
N GLY A 22 16.71 3.47 13.93
CA GLY A 22 17.01 2.10 13.53
C GLY A 22 16.00 1.45 12.62
N TYR A 23 15.37 2.21 11.72
CA TYR A 23 14.48 1.62 10.72
C TYR A 23 14.32 2.60 9.56
N GLY A 24 13.86 2.06 8.44
CA GLY A 24 13.52 2.88 7.31
C GLY A 24 12.58 2.14 6.41
N PHE A 25 12.61 2.50 5.13
CA PHE A 25 11.78 1.84 4.14
C PHE A 25 12.61 1.70 2.87
N ILE A 26 12.52 0.52 2.27
CA ILE A 26 13.06 0.24 0.95
C ILE A 26 11.90 0.23 -0.03
N ASN A 27 12.07 0.87 -1.19
CA ASN A 27 11.08 0.82 -2.27
C ASN A 27 11.48 -0.26 -3.26
N ARG A 28 10.60 -1.22 -3.47
CA ARG A 28 10.88 -2.31 -4.39
C ARG A 28 11.01 -1.77 -5.81
N ASN A 29 12.07 -2.19 -6.50
CA ASN A 29 12.28 -1.73 -7.88
C ASN A 29 11.26 -2.35 -8.82
N ASP A 30 10.71 -3.50 -8.46
CA ASP A 30 9.71 -4.09 -9.32
C ASP A 30 8.33 -3.46 -9.09
N THR A 31 7.84 -3.44 -7.86
CA THR A 31 6.46 -3.04 -7.66
C THR A 31 6.28 -1.61 -7.17
N LYS A 32 7.38 -0.89 -6.93
CA LYS A 32 7.38 0.47 -6.40
C LYS A 32 6.60 0.63 -5.09
N GLU A 33 6.47 -0.45 -4.29
CA GLU A 33 5.88 -0.33 -2.96
C GLU A 33 6.97 -0.37 -1.89
N ASP A 34 6.68 0.31 -0.78
CA ASP A 34 7.61 0.42 0.33
C ASP A 34 7.59 -0.85 1.17
N VAL A 35 8.76 -1.22 1.69
CA VAL A 35 8.88 -2.34 2.61
C VAL A 35 9.63 -1.86 3.85
N PHE A 36 9.03 -2.09 5.02
CA PHE A 36 9.66 -1.72 6.29
C PHE A 36 10.97 -2.48 6.49
N VAL A 37 12.01 -1.79 6.92
CA VAL A 37 13.26 -2.47 7.23
C VAL A 37 13.80 -2.00 8.59
N HIS A 38 14.01 -2.94 9.51
CA HIS A 38 14.61 -2.69 10.80
C HIS A 38 16.11 -2.94 10.76
N GLN A 39 16.85 -2.23 11.62
CA GLN A 39 18.31 -2.36 11.60
C GLN A 39 18.76 -3.80 11.86
N THR A 40 17.96 -4.61 12.57
CA THR A 40 18.32 -6.01 12.78
C THR A 40 18.20 -6.86 11.51
N ALA A 41 17.54 -6.38 10.45
CA ALA A 41 17.40 -7.17 9.24
C ALA A 41 18.64 -7.14 8.34
N ILE A 42 19.65 -6.34 8.66
CA ILE A 42 20.76 -6.12 7.74
C ILE A 42 21.82 -7.21 7.94
N LYS A 43 21.98 -8.06 6.91
CA LYS A 43 22.82 -9.26 7.00
C LYS A 43 24.29 -8.94 6.76
N ARG A 44 24.63 -8.30 5.63
CA ARG A 44 26.03 -7.99 5.33
C ARG A 44 26.22 -6.48 5.51
N ASN A 45 26.54 -6.07 6.74
CA ASN A 45 26.72 -4.65 7.01
C ASN A 45 28.02 -4.14 6.39
N ASN A 46 28.16 -2.81 6.35
CA ASN A 46 29.44 -2.20 5.98
C ASN A 46 30.46 -2.54 7.06
N PRO A 47 31.58 -3.19 6.73
CA PRO A 47 32.49 -3.64 7.79
C PRO A 47 33.16 -2.50 8.53
N ARG A 48 33.14 -1.29 7.98
CA ARG A 48 33.79 -0.15 8.60
C ARG A 48 32.86 0.65 9.50
N LYS A 49 31.60 0.25 9.63
CA LYS A 49 30.69 0.89 10.55
C LYS A 49 30.30 -0.10 11.64
N PHE A 50 30.22 0.36 12.88
CA PHE A 50 29.78 -0.57 13.92
C PHE A 50 28.28 -0.79 13.84
N LEU A 51 27.50 0.27 13.73
CA LEU A 51 26.05 0.12 13.69
C LEU A 51 25.59 -0.45 12.36
N ARG A 52 24.56 -1.31 12.42
CA ARG A 52 23.90 -1.82 11.21
C ARG A 52 23.02 -0.73 10.58
N SER A 53 23.16 -0.53 9.27
CA SER A 53 22.37 0.49 8.59
C SER A 53 22.40 0.27 7.09
N VAL A 54 21.46 0.92 6.39
CA VAL A 54 21.54 1.18 4.96
C VAL A 54 21.34 2.68 4.75
N GLY A 55 21.89 3.19 3.66
CA GLY A 55 21.88 4.62 3.37
C GLY A 55 20.85 4.96 2.30
N ASP A 56 20.22 6.13 2.44
CA ASP A 56 19.21 6.56 1.49
C ASP A 56 19.73 6.43 0.07
N GLY A 57 18.86 5.96 -0.83
CA GLY A 57 19.22 5.88 -2.24
C GLY A 57 20.07 4.70 -2.63
N GLU A 58 20.57 3.93 -1.67
CA GLU A 58 21.40 2.76 -1.96
C GLU A 58 20.57 1.58 -2.51
N THR A 59 21.15 0.84 -3.44
CA THR A 59 20.52 -0.37 -3.99
C THR A 59 20.80 -1.56 -3.09
N VAL A 60 19.75 -2.26 -2.66
CA VAL A 60 19.88 -3.40 -1.76
C VAL A 60 19.06 -4.56 -2.29
N GLU A 61 19.42 -5.74 -1.82
CA GLU A 61 18.82 -7.02 -2.22
C GLU A 61 18.36 -7.73 -0.96
N PHE A 62 17.17 -8.34 -0.99
CA PHE A 62 16.58 -8.82 0.25
C PHE A 62 15.40 -9.73 -0.05
N ASP A 63 14.92 -10.40 1.02
CA ASP A 63 13.67 -11.15 1.01
C ASP A 63 12.57 -10.37 1.73
N VAL A 64 11.32 -10.66 1.39
CA VAL A 64 10.19 -10.03 2.05
C VAL A 64 9.46 -11.08 2.86
N VAL A 65 9.26 -10.81 4.15
CA VAL A 65 8.54 -11.73 5.02
C VAL A 65 7.32 -11.01 5.58
N GLU A 66 6.34 -11.82 5.99
CA GLU A 66 5.14 -11.29 6.62
C GLU A 66 5.51 -10.97 8.05
N GLY A 67 5.67 -9.70 8.34
CA GLY A 67 6.10 -9.30 9.66
C GLY A 67 4.95 -9.17 10.62
N GLU A 68 5.34 -8.78 11.81
CA GLU A 68 4.41 -8.66 12.93
C GLU A 68 3.38 -7.57 12.67
N LYS A 69 3.79 -6.48 12.03
CA LYS A 69 2.92 -5.37 11.68
C LYS A 69 2.88 -5.09 10.19
N GLY A 70 3.27 -6.04 9.36
CA GLY A 70 3.19 -5.88 7.93
C GLY A 70 4.34 -6.55 7.22
N ALA A 71 4.46 -6.27 5.92
CA ALA A 71 5.56 -6.80 5.12
C ALA A 71 6.88 -6.20 5.57
N GLU A 72 7.91 -7.04 5.68
CA GLU A 72 9.18 -6.63 6.27
C GLU A 72 10.33 -7.16 5.42
N ALA A 73 11.42 -6.39 5.33
CA ALA A 73 12.63 -6.89 4.68
C ALA A 73 13.45 -7.71 5.66
N THR A 74 14.07 -8.77 5.14
CA THR A 74 15.02 -9.58 5.89
C THR A 74 16.19 -9.96 4.98
N ASN A 75 17.29 -10.41 5.58
CA ASN A 75 18.48 -10.82 4.82
C ASN A 75 18.95 -9.73 3.87
N VAL A 76 19.07 -8.50 4.38
CA VAL A 76 19.37 -7.37 3.52
C VAL A 76 20.88 -7.32 3.27
N THR A 77 21.25 -7.20 2.00
CA THR A 77 22.64 -7.05 1.60
C THR A 77 22.71 -6.12 0.40
N GLY A 78 23.93 -5.85 -0.05
CA GLY A 78 24.15 -5.20 -1.33
C GLY A 78 23.73 -6.12 -2.46
N PRO A 79 23.70 -5.60 -3.69
CA PRO A 79 23.42 -6.46 -4.84
C PRO A 79 24.40 -7.61 -4.93
N GLY A 80 23.87 -8.81 -5.14
CA GLY A 80 24.72 -9.97 -5.25
C GLY A 80 25.41 -10.37 -3.97
N GLY A 81 24.87 -9.96 -2.82
CA GLY A 81 25.36 -10.41 -1.54
C GLY A 81 26.58 -9.71 -1.01
N VAL A 82 27.04 -8.65 -1.66
CA VAL A 82 28.16 -7.84 -1.17
C VAL A 82 27.69 -7.02 0.03
N PRO A 83 28.57 -6.42 0.83
CA PRO A 83 28.08 -5.60 1.95
C PRO A 83 27.26 -4.41 1.45
N VAL A 84 26.33 -3.93 2.27
CA VAL A 84 25.65 -2.68 1.96
C VAL A 84 26.63 -1.52 2.08
N LYS A 85 26.25 -0.34 1.59
CA LYS A 85 27.10 0.84 1.77
C LYS A 85 26.93 1.46 3.14
N GLY A 86 25.75 1.32 3.75
CA GLY A 86 25.51 1.88 5.07
C GLY A 86 25.08 3.33 4.98
N SER A 87 24.46 3.79 6.05
CA SER A 87 24.06 5.18 6.12
C SER A 87 25.25 6.07 6.47
N ARG A 88 25.25 7.25 5.86
CA ARG A 88 26.23 8.27 6.13
C ARG A 88 26.04 8.83 7.56
N TYR A 89 24.86 8.59 8.16
CA TYR A 89 24.60 8.91 9.55
C TYR A 89 25.06 7.83 10.51
N ALA A 90 25.56 6.71 10.01
CA ALA A 90 26.13 5.69 10.86
C ALA A 90 27.63 5.88 10.90
N PRO A 91 28.20 6.14 12.08
CA PRO A 91 29.62 6.49 12.15
C PRO A 91 30.52 5.33 11.72
N ASN A 92 31.61 5.69 11.03
CA ASN A 92 32.69 4.76 10.75
C ASN A 92 33.43 4.43 12.04
N ARG A 93 34.05 3.25 12.06
CA ARG A 93 34.85 2.82 13.20
C ARG A 93 36.12 3.67 13.21
P 5MC B 3 4.31 5.73 10.95
OP1 5MC B 3 4.37 5.96 12.43
OP2 5MC B 3 2.97 5.83 10.22
O5' 5MC B 3 5.32 6.75 10.26
C5' 5MC B 3 6.62 6.94 10.76
C4' 5MC B 3 7.45 7.75 9.83
O4' 5MC B 3 7.77 7.00 8.62
C3' 5MC B 3 6.86 9.05 9.31
O3' 5MC B 3 7.89 9.96 9.01
C2' 5MC B 3 6.16 8.60 8.05
O2' 5MC B 3 6.01 9.68 7.13
C1' 5MC B 3 7.24 7.67 7.51
N1 5MC B 3 6.74 6.69 6.54
C2 5MC B 3 7.32 6.73 5.20
O2 5MC B 3 8.13 7.57 4.88
N3 5MC B 3 6.89 5.77 4.21
C4 5MC B 3 5.95 4.77 4.53
N4 5MC B 3 5.58 3.85 3.55
C5 5MC B 3 5.38 4.72 5.89
C6 5MC B 3 5.81 5.70 6.91
CM5 5MC B 3 4.37 3.65 6.25
P 5MC B 5 13.40 11.93 14.14
OP1 5MC B 5 12.61 11.03 15.07
OP2 5MC B 5 13.07 13.41 14.07
O5' 5MC B 5 14.94 11.79 14.55
C5' 5MC B 5 15.93 12.71 14.05
C4' 5MC B 5 17.32 12.26 14.44
O4' 5MC B 5 17.71 11.24 13.52
C3' 5MC B 5 18.40 13.33 14.39
O3' 5MC B 5 18.77 13.62 15.74
C2' 5MC B 5 19.60 12.67 13.75
O2' 5MC B 5 20.67 12.54 14.70
C1' 5MC B 5 19.09 11.30 13.25
N1 5MC B 5 19.17 11.02 11.81
C2 5MC B 5 19.57 9.65 11.52
O2 5MC B 5 19.92 8.95 12.45
N3 5MC B 5 19.61 9.14 10.15
C4 5MC B 5 19.20 9.98 9.10
N4 5MC B 5 19.23 9.49 7.78
C5 5MC B 5 18.74 11.36 9.39
C6 5MC B 5 18.69 11.87 10.78
CM5 5MC B 5 18.30 12.24 8.24
N LYS C 3 -17.04 -26.69 -12.11
CA LYS C 3 -15.81 -26.43 -11.34
C LYS C 3 -15.93 -26.95 -9.91
N PRO C 4 -14.94 -27.71 -9.46
CA PRO C 4 -15.08 -28.44 -8.19
C PRO C 4 -14.80 -27.58 -6.97
N VAL C 5 -15.60 -27.79 -5.93
CA VAL C 5 -15.65 -26.92 -4.76
C VAL C 5 -14.66 -27.40 -3.71
N LEU C 6 -13.80 -26.49 -3.26
CA LEU C 6 -12.82 -26.76 -2.22
C LEU C 6 -13.28 -26.34 -0.83
N ALA C 7 -14.14 -25.34 -0.70
CA ALA C 7 -14.63 -24.91 0.61
C ALA C 7 -15.84 -24.02 0.43
N THR C 8 -16.72 -24.00 1.43
CA THR C 8 -17.89 -23.13 1.42
C THR C 8 -17.89 -22.27 2.67
N LYS C 9 -18.53 -21.09 2.57
CA LYS C 9 -18.61 -20.11 3.67
C LYS C 9 -17.25 -19.82 4.29
N VAL C 10 -16.34 -19.37 3.49
CA VAL C 10 -15.05 -18.97 4.03
C VAL C 10 -15.09 -17.48 4.27
N LEU C 11 -14.57 -17.05 5.43
CA LEU C 11 -14.36 -15.64 5.70
C LEU C 11 -12.93 -15.27 5.30
N GLY C 12 -12.79 -14.11 4.64
CA GLY C 12 -11.49 -13.64 4.26
C GLY C 12 -11.41 -12.13 4.28
N THR C 13 -10.20 -11.64 4.05
CA THR C 13 -9.88 -10.22 4.04
C THR C 13 -9.35 -9.86 2.66
N VAL C 14 -9.95 -8.87 2.02
CA VAL C 14 -9.49 -8.47 0.70
C VAL C 14 -8.08 -7.89 0.80
N LYS C 15 -7.16 -8.48 0.06
CA LYS C 15 -5.79 -7.98 0.13
C LYS C 15 -5.61 -6.79 -0.82
N TRP C 16 -6.08 -6.92 -2.06
CA TRP C 16 -6.28 -5.77 -2.91
C TRP C 16 -7.25 -6.17 -4.01
N PHE C 17 -7.86 -5.18 -4.65
CA PHE C 17 -8.75 -5.45 -5.78
C PHE C 17 -8.68 -4.30 -6.75
N ASN C 18 -8.34 -4.61 -8.00
CA ASN C 18 -8.13 -3.59 -9.03
C ASN C 18 -9.40 -3.47 -9.87
N VAL C 19 -10.05 -2.32 -9.75
CA VAL C 19 -11.32 -2.08 -10.45
C VAL C 19 -11.10 -1.98 -11.95
N ARG C 20 -10.04 -1.31 -12.39
CA ARG C 20 -9.76 -1.18 -13.83
C ARG C 20 -9.68 -2.52 -14.53
N ASN C 21 -8.94 -3.48 -13.97
CA ASN C 21 -8.78 -4.80 -14.58
C ASN C 21 -9.78 -5.81 -14.07
N GLY C 22 -10.57 -5.48 -13.04
CA GLY C 22 -11.61 -6.37 -12.57
C GLY C 22 -11.15 -7.60 -11.81
N TYR C 23 -10.03 -7.54 -11.08
CA TYR C 23 -9.67 -8.69 -10.27
C TYR C 23 -8.78 -8.32 -9.09
N GLY C 24 -8.64 -9.27 -8.17
CA GLY C 24 -7.82 -9.08 -6.99
C GLY C 24 -7.62 -10.40 -6.23
N PHE C 25 -7.13 -10.28 -4.99
CA PHE C 25 -6.87 -11.44 -4.16
C PHE C 25 -7.46 -11.26 -2.78
N ILE C 26 -7.95 -12.35 -2.22
CA ILE C 26 -8.49 -12.38 -0.87
C ILE C 26 -7.64 -13.35 -0.08
N ASN C 27 -7.23 -12.94 1.11
CA ASN C 27 -6.49 -13.83 2.01
C ASN C 27 -7.48 -14.47 2.98
N ARG C 28 -7.58 -15.80 2.93
CA ARG C 28 -8.53 -16.56 3.74
C ARG C 28 -8.21 -16.43 5.22
N ASN C 29 -9.22 -16.06 6.03
CA ASN C 29 -8.98 -15.87 7.46
C ASN C 29 -8.66 -17.19 8.16
N ASP C 30 -9.09 -18.33 7.61
CA ASP C 30 -8.86 -19.59 8.30
C ASP C 30 -7.48 -20.17 7.97
N THR C 31 -7.12 -20.23 6.69
CA THR C 31 -5.87 -20.82 6.25
C THR C 31 -4.78 -19.80 5.95
N LYS C 32 -5.12 -18.51 5.86
CA LYS C 32 -4.19 -17.44 5.52
C LYS C 32 -3.59 -17.63 4.13
N GLU C 33 -4.29 -18.34 3.25
CA GLU C 33 -3.90 -18.51 1.87
C GLU C 33 -4.61 -17.48 1.00
N ASP C 34 -3.98 -17.14 -0.12
CA ASP C 34 -4.57 -16.20 -1.06
C ASP C 34 -5.41 -16.91 -2.10
N VAL C 35 -6.54 -16.32 -2.43
CA VAL C 35 -7.39 -16.83 -3.49
C VAL C 35 -7.70 -15.69 -4.45
N PHE C 36 -7.72 -16.01 -5.72
CA PHE C 36 -8.04 -15.05 -6.77
C PHE C 36 -9.55 -14.76 -6.78
N VAL C 37 -9.92 -13.50 -6.98
CA VAL C 37 -11.32 -13.15 -7.13
C VAL C 37 -11.48 -12.25 -8.35
N HIS C 38 -12.39 -12.62 -9.24
CA HIS C 38 -12.73 -11.82 -10.41
C HIS C 38 -14.05 -11.09 -10.16
N GLN C 39 -14.21 -9.93 -10.82
CA GLN C 39 -15.39 -9.11 -10.58
C GLN C 39 -16.69 -9.86 -10.88
N THR C 40 -16.66 -10.85 -11.78
CA THR C 40 -17.86 -11.64 -12.05
C THR C 40 -18.23 -12.58 -10.90
N ALA C 41 -17.35 -12.75 -9.91
CA ALA C 41 -17.65 -13.66 -8.81
C ALA C 41 -18.35 -12.99 -7.64
N ILE C 42 -18.51 -11.67 -7.68
CA ILE C 42 -19.14 -10.92 -6.59
C ILE C 42 -20.65 -11.08 -6.70
N LYS C 43 -21.24 -11.72 -5.68
CA LYS C 43 -22.65 -12.09 -5.71
C LYS C 43 -23.55 -10.98 -5.16
N ARG C 44 -23.06 -10.20 -4.20
CA ARG C 44 -23.82 -9.11 -3.58
C ARG C 44 -22.95 -7.86 -3.65
N ASN C 45 -23.03 -7.15 -4.76
CA ASN C 45 -22.32 -5.90 -4.91
C ASN C 45 -22.96 -4.82 -4.05
N ASN C 46 -22.22 -3.74 -3.88
CA ASN C 46 -22.74 -2.55 -3.24
C ASN C 46 -23.69 -1.88 -4.22
N PRO C 47 -24.98 -1.82 -3.92
CA PRO C 47 -25.94 -1.21 -4.87
C PRO C 47 -25.62 0.23 -5.20
N ARG C 48 -24.86 0.93 -4.36
CA ARG C 48 -24.71 2.35 -4.61
C ARG C 48 -23.45 2.68 -5.42
N LYS C 49 -22.76 1.66 -5.93
CA LYS C 49 -21.67 1.83 -6.88
C LYS C 49 -22.06 1.20 -8.21
N PHE C 50 -21.63 1.79 -9.32
CA PHE C 50 -22.02 1.25 -10.62
C PHE C 50 -21.21 0.01 -10.97
N LEU C 51 -19.89 0.09 -10.88
CA LEU C 51 -19.05 -1.05 -11.20
C LEU C 51 -19.07 -2.07 -10.07
N ARG C 52 -18.81 -3.33 -10.42
CA ARG C 52 -18.68 -4.41 -9.45
C ARG C 52 -17.26 -4.45 -8.89
N SER C 53 -17.13 -4.59 -7.57
CA SER C 53 -15.82 -4.56 -6.93
C SER C 53 -15.96 -4.97 -5.47
N VAL C 54 -14.83 -5.34 -4.89
CA VAL C 54 -14.65 -5.32 -3.43
C VAL C 54 -13.50 -4.36 -3.15
N GLY C 55 -13.36 -3.98 -1.88
CA GLY C 55 -12.43 -2.95 -1.46
C GLY C 55 -11.33 -3.45 -0.53
N ASP C 56 -10.15 -2.84 -0.65
CA ASP C 56 -9.00 -3.11 0.21
C ASP C 56 -9.40 -3.25 1.68
N GLY C 57 -9.05 -4.39 2.28
CA GLY C 57 -9.20 -4.61 3.69
C GLY C 57 -10.57 -5.00 4.17
N GLU C 58 -11.53 -5.14 3.27
CA GLU C 58 -12.88 -5.50 3.65
C GLU C 58 -13.02 -6.99 3.89
N THR C 59 -13.90 -7.38 4.81
CA THR C 59 -14.15 -8.79 5.14
C THR C 59 -15.24 -9.35 4.23
N VAL C 60 -14.93 -10.42 3.53
CA VAL C 60 -15.87 -11.03 2.60
C VAL C 60 -16.08 -12.50 2.97
N GLU C 61 -17.20 -13.03 2.51
CA GLU C 61 -17.56 -14.43 2.70
C GLU C 61 -17.79 -15.03 1.32
N PHE C 62 -17.24 -16.22 1.09
CA PHE C 62 -17.22 -16.78 -0.25
C PHE C 62 -17.01 -18.28 -0.16
N ASP C 63 -17.21 -18.96 -1.28
CA ASP C 63 -16.72 -20.32 -1.44
C ASP C 63 -15.44 -20.32 -2.26
N VAL C 64 -14.68 -21.39 -2.12
CA VAL C 64 -13.40 -21.56 -2.80
C VAL C 64 -13.56 -22.71 -3.77
N VAL C 65 -13.39 -22.43 -5.06
CA VAL C 65 -13.50 -23.41 -6.12
C VAL C 65 -12.12 -23.54 -6.74
N GLU C 66 -11.84 -24.65 -7.42
CA GLU C 66 -10.64 -24.63 -8.23
C GLU C 66 -11.01 -24.41 -9.68
N GLY C 67 -10.55 -23.29 -10.22
CA GLY C 67 -10.72 -22.96 -11.61
C GLY C 67 -9.45 -23.21 -12.39
N GLU C 68 -9.46 -22.70 -13.63
CA GLU C 68 -8.43 -23.04 -14.61
C GLU C 68 -7.04 -22.66 -14.14
N LYS C 69 -6.93 -21.56 -13.39
CA LYS C 69 -5.63 -20.96 -13.14
C LYS C 69 -5.29 -20.91 -11.68
N GLY C 70 -6.01 -21.65 -10.85
CA GLY C 70 -5.69 -21.73 -9.45
C GLY C 70 -6.97 -21.72 -8.65
N ALA C 71 -6.79 -21.65 -7.33
CA ALA C 71 -7.91 -21.50 -6.43
C ALA C 71 -8.60 -20.17 -6.70
N GLU C 72 -9.92 -20.20 -6.68
CA GLU C 72 -10.69 -19.04 -7.08
C GLU C 72 -11.82 -18.84 -6.08
N ALA C 73 -12.15 -17.58 -5.81
CA ALA C 73 -13.27 -17.27 -4.93
C ALA C 73 -14.54 -17.16 -5.74
N THR C 74 -15.65 -17.61 -5.18
CA THR C 74 -16.91 -17.53 -5.90
C THR C 74 -18.03 -17.23 -4.91
N ASN C 75 -19.15 -16.73 -5.45
CA ASN C 75 -20.30 -16.28 -4.67
C ASN C 75 -19.87 -15.31 -3.56
N VAL C 76 -19.15 -14.26 -3.95
CA VAL C 76 -18.57 -13.39 -2.93
C VAL C 76 -19.61 -12.42 -2.42
N THR C 77 -19.80 -12.41 -1.10
CA THR C 77 -20.65 -11.44 -0.41
C THR C 77 -19.87 -10.85 0.75
N GLY C 78 -20.53 -9.94 1.48
CA GLY C 78 -20.05 -9.53 2.78
C GLY C 78 -20.31 -10.61 3.80
N PRO C 79 -19.86 -10.40 5.05
CA PRO C 79 -20.04 -11.44 6.08
C PRO C 79 -21.52 -11.73 6.32
N GLY C 80 -21.88 -13.02 6.23
CA GLY C 80 -23.23 -13.45 6.46
C GLY C 80 -24.13 -13.32 5.26
N GLY C 81 -23.58 -12.98 4.10
CA GLY C 81 -24.37 -12.81 2.91
C GLY C 81 -24.85 -11.41 2.62
N VAL C 82 -24.42 -10.41 3.39
CA VAL C 82 -24.87 -9.04 3.15
C VAL C 82 -24.09 -8.47 1.97
N PRO C 83 -24.47 -7.28 1.45
CA PRO C 83 -23.69 -6.68 0.37
C PRO C 83 -22.28 -6.34 0.80
N VAL C 84 -21.36 -6.43 -0.14
CA VAL C 84 -19.99 -5.98 0.08
C VAL C 84 -19.96 -4.46 0.12
N LYS C 85 -18.88 -3.91 0.71
CA LYS C 85 -18.69 -2.46 0.74
C LYS C 85 -18.21 -1.92 -0.60
N GLY C 86 -17.41 -2.67 -1.34
CA GLY C 86 -16.94 -2.23 -2.64
C GLY C 86 -15.73 -1.32 -2.51
N SER C 87 -15.15 -1.00 -3.67
CA SER C 87 -13.87 -0.31 -3.71
C SER C 87 -14.05 1.20 -3.81
N ARG C 88 -13.15 1.93 -3.16
CA ARG C 88 -13.11 3.37 -3.32
C ARG C 88 -12.86 3.78 -4.77
N TYR C 89 -12.25 2.91 -5.56
CA TYR C 89 -12.03 3.14 -6.97
C TYR C 89 -13.29 2.98 -7.82
N ALA C 90 -14.37 2.45 -7.25
CA ALA C 90 -15.63 2.31 -7.96
C ALA C 90 -16.54 3.48 -7.60
N PRO C 91 -16.77 4.43 -8.52
CA PRO C 91 -17.52 5.64 -8.16
C PRO C 91 -18.91 5.33 -7.65
N ASN C 92 -19.37 6.13 -6.71
CA ASN C 92 -20.73 6.04 -6.21
C ASN C 92 -21.70 6.70 -7.18
N ARG C 93 -22.93 6.21 -7.17
CA ARG C 93 -23.96 6.86 -7.96
C ARG C 93 -24.36 8.20 -7.35
P 5MC D 3 -0.08 -12.23 -13.10
OP1 5MC D 3 -0.42 -11.69 -14.47
OP2 5MC D 3 1.16 -13.08 -13.01
O5' 5MC D 3 0.15 -11.02 -12.08
C5' 5MC D 3 -0.81 -9.99 -11.92
C4' 5MC D 3 -0.39 -9.04 -10.83
O4' 5MC D 3 -0.90 -9.52 -9.58
C3' 5MC D 3 1.11 -8.97 -10.62
O3' 5MC D 3 1.78 -8.12 -11.55
C2' 5MC D 3 1.31 -8.68 -9.11
O2' 5MC D 3 1.51 -7.26 -8.92
C1' 5MC D 3 -0.06 -9.10 -8.52
N1 5MC D 3 -0.04 -10.21 -7.52
C2 5MC D 3 0.09 -9.92 -6.10
O2 5MC D 3 0.29 -8.78 -5.76
N3 5MC D 3 0.04 -10.97 -5.08
C4 5MC D 3 -0.19 -12.31 -5.46
N4 5MC D 3 -0.24 -13.34 -4.50
C5 5MC D 3 -0.36 -12.63 -6.88
C6 5MC D 3 -0.31 -11.56 -7.91
CM5 5MC D 3 -0.61 -14.05 -7.30
P 5MC D 5 -2.40 -1.48 -14.14
OP1 5MC D 5 -2.87 -2.33 -15.27
OP2 5MC D 5 -1.01 -0.94 -14.25
O5' 5MC D 5 -3.48 -0.34 -13.87
C5' 5MC D 5 -3.21 0.87 -13.15
C4' 5MC D 5 -4.50 1.65 -12.95
O4' 5MC D 5 -5.33 0.90 -12.06
C3' 5MC D 5 -4.42 3.06 -12.38
O3' 5MC D 5 -4.84 4.03 -13.33
C2' 5MC D 5 -5.45 3.07 -11.23
O2' 5MC D 5 -6.32 4.16 -11.25
C1' 5MC D 5 -6.20 1.76 -11.41
N1 5MC D 5 -6.57 1.09 -10.16
C2 5MC D 5 -7.86 0.46 -9.99
O2 5MC D 5 -8.69 0.49 -10.87
N3 5MC D 5 -8.16 -0.21 -8.73
C4 5MC D 5 -7.21 -0.25 -7.70
N4 5MC D 5 -7.50 -0.89 -6.50
C5 5MC D 5 -5.90 0.38 -7.88
C6 5MC D 5 -5.59 1.05 -9.15
CM5 5MC D 5 -4.87 0.34 -6.77
N LYS E 3 -20.86 12.79 3.57
CA LYS E 3 -19.84 12.82 4.62
C LYS E 3 -19.59 14.25 5.09
N PRO E 4 -19.59 14.45 6.40
CA PRO E 4 -19.56 15.81 6.93
C PRO E 4 -18.20 16.46 6.74
N VAL E 5 -18.23 17.75 6.45
CA VAL E 5 -17.03 18.54 6.19
C VAL E 5 -16.47 19.02 7.52
N LEU E 6 -15.19 18.76 7.77
CA LEU E 6 -14.58 19.21 9.01
C LEU E 6 -13.73 20.46 8.86
N ALA E 7 -13.19 20.70 7.66
CA ALA E 7 -12.40 21.88 7.39
C ALA E 7 -12.25 22.00 5.89
N THR E 8 -12.12 23.23 5.40
CA THR E 8 -11.93 23.51 3.98
C THR E 8 -10.63 24.25 3.80
N LYS E 9 -9.96 23.99 2.67
CA LYS E 9 -8.83 24.80 2.25
C LYS E 9 -7.69 24.76 3.28
N VAL E 10 -7.29 23.56 3.68
CA VAL E 10 -6.22 23.45 4.66
C VAL E 10 -4.94 23.06 3.94
N LEU E 11 -3.80 23.52 4.47
CA LEU E 11 -2.50 23.11 3.95
C LEU E 11 -1.93 21.95 4.78
N GLY E 12 -1.30 21.00 4.09
CA GLY E 12 -0.67 19.89 4.78
C GLY E 12 0.55 19.41 4.03
N THR E 13 1.29 18.53 4.68
CA THR E 13 2.49 17.94 4.12
C THR E 13 2.23 16.46 3.90
N VAL E 14 2.47 15.98 2.68
CA VAL E 14 2.27 14.56 2.42
C VAL E 14 3.35 13.77 3.18
N LYS E 15 2.92 12.77 3.95
CA LYS E 15 3.90 11.99 4.69
C LYS E 15 4.45 10.84 3.86
N TRP E 16 3.55 10.04 3.28
CA TRP E 16 3.91 9.00 2.31
C TRP E 16 2.66 8.67 1.48
N PHE E 17 2.89 8.02 0.32
CA PHE E 17 1.81 7.62 -0.58
C PHE E 17 2.23 6.33 -1.26
N ASN E 18 1.34 5.34 -1.26
CA ASN E 18 1.60 4.05 -1.87
C ASN E 18 1.02 4.08 -3.27
N VAL E 19 1.89 4.04 -4.29
CA VAL E 19 1.42 4.13 -5.66
C VAL E 19 0.88 2.79 -6.15
N ARG E 20 1.24 1.67 -5.52
CA ARG E 20 0.72 0.40 -6.05
C ARG E 20 -0.74 0.22 -5.70
N ASN E 21 -1.18 0.76 -4.56
CA ASN E 21 -2.58 0.61 -4.21
C ASN E 21 -3.32 1.91 -3.94
N GLY E 22 -2.67 3.05 -4.12
CA GLY E 22 -3.38 4.30 -4.30
C GLY E 22 -3.84 5.04 -3.05
N TYR E 23 -3.07 4.99 -1.97
CA TYR E 23 -3.46 5.74 -0.78
C TYR E 23 -2.22 6.10 0.03
N GLY E 24 -2.39 7.13 0.86
CA GLY E 24 -1.35 7.55 1.78
C GLY E 24 -1.94 8.42 2.86
N PHE E 25 -1.08 9.19 3.52
CA PHE E 25 -1.54 10.09 4.58
C PHE E 25 -0.90 11.47 4.42
N ILE E 26 -1.66 12.50 4.80
CA ILE E 26 -1.21 13.88 4.84
C ILE E 26 -1.18 14.32 6.29
N ASN E 27 -0.18 15.12 6.66
CA ASN E 27 -0.14 15.73 7.99
C ASN E 27 -0.59 17.18 7.87
N ARG E 28 -1.68 17.51 8.54
CA ARG E 28 -2.23 18.84 8.41
C ARG E 28 -1.30 19.82 9.13
N ASN E 29 -1.01 20.95 8.50
CA ASN E 29 -0.05 21.89 9.11
C ASN E 29 -0.66 22.68 10.26
N ASP E 30 -1.99 22.76 10.36
CA ASP E 30 -2.56 23.50 11.48
C ASP E 30 -2.74 22.61 12.71
N THR E 31 -3.37 21.44 12.55
CA THR E 31 -3.65 20.57 13.70
C THR E 31 -2.57 19.51 13.93
N LYS E 32 -1.68 19.30 12.97
CA LYS E 32 -0.66 18.25 13.04
C LYS E 32 -1.27 16.84 13.16
N GLU E 33 -2.57 16.69 12.95
CA GLU E 33 -3.15 15.37 12.81
C GLU E 33 -2.87 14.82 11.41
N ASP E 34 -3.00 13.50 11.28
CA ASP E 34 -2.88 12.83 10.00
C ASP E 34 -4.25 12.60 9.38
N VAL E 35 -4.36 12.79 8.06
CA VAL E 35 -5.61 12.52 7.35
C VAL E 35 -5.31 11.61 6.17
N PHE E 36 -6.18 10.63 6.00
CA PHE E 36 -6.05 9.66 4.93
C PHE E 36 -6.29 10.34 3.58
N VAL E 37 -5.48 9.98 2.59
CA VAL E 37 -5.70 10.48 1.24
C VAL E 37 -5.70 9.32 0.25
N HIS E 38 -6.78 9.20 -0.51
CA HIS E 38 -6.90 8.18 -1.52
C HIS E 38 -6.59 8.78 -2.88
N GLN E 39 -6.28 7.90 -3.84
CA GLN E 39 -6.00 8.35 -5.20
C GLN E 39 -7.17 9.19 -5.70
N THR E 40 -8.40 8.70 -5.44
CA THR E 40 -9.63 9.27 -6.01
C THR E 40 -9.96 10.66 -5.47
N ALA E 41 -9.30 11.09 -4.39
CA ALA E 41 -9.56 12.40 -3.81
C ALA E 41 -8.70 13.51 -4.41
N ILE E 42 -7.82 13.19 -5.37
CA ILE E 42 -6.95 14.22 -5.91
C ILE E 42 -7.70 14.95 -7.01
N LYS E 43 -7.85 16.27 -6.83
CA LYS E 43 -8.60 17.13 -7.74
C LYS E 43 -7.74 17.59 -8.92
N ARG E 44 -6.52 18.06 -8.64
CA ARG E 44 -5.67 18.58 -9.71
C ARG E 44 -4.38 17.75 -9.75
N ASN E 45 -4.39 16.71 -10.57
CA ASN E 45 -3.26 15.80 -10.73
C ASN E 45 -2.18 16.37 -11.64
N ASN E 46 -0.97 15.81 -11.52
CA ASN E 46 0.11 16.20 -12.41
C ASN E 46 -0.26 15.82 -13.84
N PRO E 47 -0.34 16.78 -14.76
CA PRO E 47 -0.72 16.47 -16.15
C PRO E 47 0.30 15.62 -16.89
N ARG E 48 1.56 15.59 -16.46
CA ARG E 48 2.57 14.78 -17.13
C ARG E 48 2.57 13.32 -16.72
N LYS E 49 1.88 12.93 -15.66
CA LYS E 49 1.88 11.54 -15.22
C LYS E 49 0.52 10.91 -15.46
N PHE E 50 0.52 9.66 -15.92
CA PHE E 50 -0.76 8.98 -16.05
C PHE E 50 -1.32 8.62 -14.68
N LEU E 51 -0.52 7.95 -13.84
CA LEU E 51 -1.00 7.55 -12.54
C LEU E 51 -1.28 8.78 -11.68
N ARG E 52 -2.38 8.72 -10.94
CA ARG E 52 -2.75 9.83 -10.06
C ARG E 52 -2.10 9.55 -8.71
N SER E 53 -1.38 10.53 -8.20
CA SER E 53 -0.61 10.32 -6.98
C SER E 53 -0.22 11.67 -6.40
N VAL E 54 0.27 11.64 -5.17
CA VAL E 54 1.00 12.73 -4.54
C VAL E 54 2.30 12.16 -4.02
N GLY E 55 3.27 13.03 -3.76
CA GLY E 55 4.63 12.63 -3.42
C GLY E 55 5.02 12.97 -1.99
N ASP E 56 5.90 12.16 -1.41
CA ASP E 56 6.36 12.37 -0.04
C ASP E 56 6.94 13.77 0.11
N GLY E 57 6.52 14.47 1.17
CA GLY E 57 7.07 15.79 1.46
C GLY E 57 6.38 16.95 0.78
N GLU E 58 5.52 16.69 -0.19
CA GLU E 58 4.86 17.71 -0.99
C GLU E 58 3.84 18.49 -0.16
N THR E 59 3.76 19.81 -0.40
CA THR E 59 2.73 20.65 0.22
C THR E 59 1.45 20.52 -0.60
N VAL E 60 0.34 20.18 0.06
CA VAL E 60 -0.95 20.07 -0.61
C VAL E 60 -2.00 20.86 0.16
N GLU E 61 -3.07 21.18 -0.56
CA GLU E 61 -4.20 21.97 -0.09
C GLU E 61 -5.45 21.16 -0.36
N PHE E 62 -6.35 21.11 0.64
CA PHE E 62 -7.43 20.13 0.57
C PHE E 62 -8.53 20.48 1.56
N ASP E 63 -9.69 19.86 1.37
CA ASP E 63 -10.76 19.80 2.36
C ASP E 63 -10.63 18.49 3.15
N VAL E 64 -11.24 18.48 4.34
CA VAL E 64 -11.17 17.35 5.25
C VAL E 64 -12.59 16.92 5.59
N VAL E 65 -12.88 15.64 5.40
CA VAL E 65 -14.19 15.10 5.73
C VAL E 65 -14.01 13.96 6.72
N GLU E 66 -15.12 13.58 7.36
CA GLU E 66 -15.13 12.54 8.38
C GLU E 66 -15.56 11.22 7.75
N GLY E 67 -14.61 10.30 7.59
CA GLY E 67 -14.93 8.95 7.14
C GLY E 67 -15.33 8.03 8.29
N GLU E 68 -15.57 6.74 7.94
CA GLU E 68 -15.82 5.72 8.96
C GLU E 68 -14.73 5.70 10.01
N LYS E 69 -13.48 5.56 9.58
CA LYS E 69 -12.37 5.25 10.46
C LYS E 69 -11.47 6.46 10.70
N GLY E 70 -11.82 7.63 10.23
CA GLY E 70 -11.02 8.81 10.52
C GLY E 70 -11.20 9.88 9.47
N ALA E 71 -10.42 10.94 9.66
CA ALA E 71 -10.47 12.10 8.79
C ALA E 71 -9.85 11.79 7.43
N GLU E 72 -10.50 12.28 6.36
CA GLU E 72 -10.07 12.01 5.00
C GLU E 72 -9.96 13.31 4.22
N ALA E 73 -8.94 13.39 3.39
CA ALA E 73 -8.70 14.56 2.57
C ALA E 73 -9.53 14.45 1.30
N THR E 74 -9.91 15.60 0.75
CA THR E 74 -10.70 15.58 -0.47
C THR E 74 -10.37 16.83 -1.28
N ASN E 75 -10.74 16.82 -2.56
CA ASN E 75 -10.41 17.91 -3.49
C ASN E 75 -8.95 18.33 -3.33
N VAL E 76 -8.07 17.36 -3.32
CA VAL E 76 -6.66 17.62 -3.04
C VAL E 76 -6.01 18.31 -4.24
N THR E 77 -5.33 19.44 -3.98
CA THR E 77 -4.54 20.14 -4.98
C THR E 77 -3.20 20.52 -4.36
N GLY E 78 -2.31 21.05 -5.20
CA GLY E 78 -1.18 21.83 -4.73
C GLY E 78 -1.65 23.16 -4.17
N PRO E 79 -0.78 23.88 -3.48
CA PRO E 79 -1.21 25.14 -2.85
C PRO E 79 -1.69 26.13 -3.90
N GLY E 80 -2.76 26.85 -3.57
CA GLY E 80 -3.37 27.74 -4.54
C GLY E 80 -4.14 27.07 -5.67
N GLY E 81 -4.40 25.76 -5.60
CA GLY E 81 -5.18 25.12 -6.63
C GLY E 81 -4.39 24.65 -7.83
N VAL E 82 -3.08 24.88 -7.84
CA VAL E 82 -2.19 24.39 -8.88
C VAL E 82 -2.08 22.86 -8.75
N PRO E 83 -1.66 22.13 -9.79
CA PRO E 83 -1.60 20.67 -9.68
C PRO E 83 -0.58 20.21 -8.65
N VAL E 84 -0.79 18.99 -8.12
CA VAL E 84 0.21 18.37 -7.25
C VAL E 84 1.41 17.93 -8.09
N LYS E 85 2.53 17.72 -7.41
CA LYS E 85 3.74 17.24 -8.06
C LYS E 85 3.62 15.75 -8.35
N GLY E 86 2.99 14.99 -7.46
CA GLY E 86 2.86 13.55 -7.64
C GLY E 86 4.10 12.81 -7.15
N SER E 87 3.95 11.49 -7.02
CA SER E 87 5.02 10.68 -6.48
C SER E 87 6.17 10.51 -7.47
N ARG E 88 7.39 10.47 -6.93
CA ARG E 88 8.57 10.05 -7.70
C ARG E 88 8.41 8.65 -8.27
N TYR E 89 7.53 7.82 -7.71
CA TYR E 89 7.38 6.45 -8.19
C TYR E 89 6.32 6.30 -9.26
N ALA E 90 5.64 7.38 -9.66
CA ALA E 90 4.68 7.34 -10.76
C ALA E 90 5.41 7.86 -11.99
N PRO E 91 5.64 7.04 -13.01
CA PRO E 91 6.38 7.49 -14.19
C PRO E 91 5.73 8.71 -14.83
N ASN E 92 6.56 9.54 -15.45
CA ASN E 92 6.12 10.54 -16.41
C ASN E 92 5.80 9.90 -17.76
N ARG E 93 4.84 10.52 -18.45
CA ARG E 93 4.49 10.19 -19.83
C ARG E 93 5.69 10.25 -20.79
#